data_7ACD
#
_entry.id   7ACD
#
_cell.length_a   63.800
_cell.length_b   63.800
_cell.length_c   224.920
_cell.angle_alpha   90.000
_cell.angle_beta   90.000
_cell.angle_gamma   120.000
#
_symmetry.space_group_name_H-M   'P 32 2 1'
#
loop_
_entity.id
_entity.type
_entity.pdbx_description
1 polymer 'N6-adenosine-methyltransferase catalytic subunit'
2 polymer 'N6-adenosine-methyltransferase non-catalytic subunit'
3 non-polymer 4-[(4,4-dimethylpiperidin-1-yl)methyl]-2-oxidanyl-~{N}-[[(3~{R})-3-oxidanyl-1-[6-[(phenylmethyl)amino]pyrimidin-4-yl]piperidin-3-yl]methyl]benzamide
4 non-polymer 'MAGNESIUM ION'
5 non-polymer 'ACETATE ION'
6 water water
#
loop_
_entity_poly.entity_id
_entity_poly.type
_entity_poly.pdbx_seq_one_letter_code
_entity_poly.pdbx_strand_id
1 'polypeptide(L)'
;MGHHHHHHSSGRENLYFQGALTQSVGGDSSADRLFPPQWICCDIRYLDVSILGKFAVVMADPPWDIHMELPYGTLTDDEM
RRLNIPVLQDDGFLFLWVTGRAMELGRECLNLWGYERVDEIIWVKTNQLQRIIRTGRTGHWLNHGKEHCLVGVKGNPQGF
NQGLDCDVIVAEVRSTSHKPDEIYGMIERLSPGTRKIELFGRPHNVQPNWITLGNQLDGIHLLDPDVVARFKQRYPDGII
SKPKNL
;
A
2 'polypeptide(L)'
;MLKGTQSLNPHNDYCQHFVDTGHRPQNFIRDVGLADRFEEYPKLRELIRLKDELIAKSNTPPMYLQADIEAFDIRELTPK
FDVILLEPPLEEYYRETGITANEKCWTWDDIMKLEIDEIAAPRSFIFLWCGSGEGLDLGRVCLRKWGYRRCEDICWIKTN
KNNPGKTKTLDPKAVFQRTKEHCLMGIKGTVKRSTDGDFIHANVDIDLIITEEPEIGNIEKPVEIFHIIEHFCLGRRRLH
LFGRDSTIRPGWLTVGPTLTNSNYNAETYASYFSAPNSYLTGCTEEIERL
;
B
#
# COMPACT_ATOMS: atom_id res chain seq x y z
N LEU A 34 3.56 -26.23 20.06
CA LEU A 34 2.67 -27.04 20.90
C LEU A 34 1.18 -26.67 20.72
N PHE A 35 0.49 -27.55 20.01
CA PHE A 35 -0.55 -27.16 19.07
C PHE A 35 -1.63 -26.20 19.59
N PRO A 36 -2.25 -26.37 20.77
CA PRO A 36 -3.49 -25.59 21.09
C PRO A 36 -3.19 -24.13 21.38
N PRO A 37 -4.21 -23.26 21.34
CA PRO A 37 -3.99 -21.83 21.60
C PRO A 37 -3.30 -21.57 22.93
N GLN A 38 -2.37 -20.63 22.92
CA GLN A 38 -1.71 -20.16 24.13
C GLN A 38 -1.78 -18.65 24.15
N TRP A 39 -1.73 -18.06 25.35
CA TRP A 39 -1.72 -16.61 25.40
C TRP A 39 -1.13 -16.11 26.71
N ILE A 40 -0.73 -14.84 26.69
CA ILE A 40 -0.20 -14.14 27.86
C ILE A 40 -0.86 -12.78 27.89
N CYS A 41 -1.63 -12.49 28.94
CA CYS A 41 -2.05 -11.12 29.19
C CYS A 41 -0.87 -10.34 29.78
N CYS A 42 -0.48 -9.24 29.14
CA CYS A 42 0.70 -8.51 29.56
C CYS A 42 0.74 -7.16 28.87
N ASP A 43 1.67 -6.34 29.32
CA ASP A 43 2.06 -5.11 28.63
C ASP A 43 3.22 -5.46 27.72
N ILE A 44 2.97 -5.53 26.41
CA ILE A 44 4.02 -5.96 25.49
C ILE A 44 5.27 -5.10 25.61
N ARG A 45 5.16 -3.88 26.14
CA ARG A 45 6.35 -3.07 26.35
C ARG A 45 7.31 -3.72 27.33
N TYR A 46 6.79 -4.43 28.32
CA TYR A 46 7.54 -4.86 29.48
C TYR A 46 7.78 -6.35 29.53
N LEU A 47 7.10 -7.14 28.70
CA LEU A 47 7.36 -8.57 28.68
C LEU A 47 8.76 -8.84 28.19
N ASP A 48 9.47 -9.68 28.91
CA ASP A 48 10.74 -10.24 28.48
C ASP A 48 10.42 -11.31 27.45
N VAL A 49 10.35 -10.92 26.17
CA VAL A 49 9.94 -11.87 25.14
C VAL A 49 11.00 -12.90 24.81
N SER A 50 12.18 -12.79 25.42
CA SER A 50 13.20 -13.81 25.18
C SER A 50 12.82 -15.17 25.76
N ILE A 51 11.83 -15.23 26.65
CA ILE A 51 11.38 -16.52 27.16
C ILE A 51 10.54 -17.30 26.16
N LEU A 52 10.13 -16.69 25.05
CA LEU A 52 9.12 -17.28 24.19
C LEU A 52 9.69 -18.19 23.10
N GLY A 53 10.99 -18.11 22.81
CA GLY A 53 11.55 -18.89 21.70
C GLY A 53 11.48 -18.20 20.36
N LYS A 54 11.77 -18.98 19.31
CA LYS A 54 11.80 -18.47 17.94
C LYS A 54 10.55 -18.87 17.19
N PHE A 55 10.17 -18.05 16.22
CA PHE A 55 8.88 -18.21 15.53
C PHE A 55 9.07 -18.14 14.03
N ALA A 56 8.38 -19.03 13.32
CA ALA A 56 8.43 -18.98 11.87
C ALA A 56 7.74 -17.73 11.35
N VAL A 57 6.62 -17.35 11.97
CA VAL A 57 5.84 -16.18 11.59
C VAL A 57 5.56 -15.36 12.85
N VAL A 58 5.71 -14.05 12.72
CA VAL A 58 5.26 -13.06 13.71
C VAL A 58 4.22 -12.21 13.03
N MET A 59 3.12 -11.93 13.73
CA MET A 59 2.12 -10.99 13.26
C MET A 59 1.88 -9.92 14.32
N ALA A 60 1.79 -8.68 13.86
CA ALA A 60 1.52 -7.56 14.75
C ALA A 60 0.49 -6.63 14.15
N ASP A 61 -0.46 -6.22 14.97
CA ASP A 61 -1.44 -5.22 14.60
C ASP A 61 -1.41 -4.16 15.68
N PRO A 62 -0.50 -3.21 15.58
CA PRO A 62 -0.18 -2.35 16.73
C PRO A 62 -1.21 -1.25 16.91
N PRO A 63 -1.38 -0.77 18.14
CA PRO A 63 -2.08 0.48 18.45
C PRO A 63 -1.19 1.69 18.17
N TRP A 64 -1.01 1.95 16.88
CA TRP A 64 -0.17 3.07 16.46
C TRP A 64 -0.72 4.38 16.98
N ASP A 65 0.18 5.31 17.25
CA ASP A 65 -0.22 6.67 17.57
C ASP A 65 -0.48 7.44 16.29
N ILE A 66 -1.67 7.24 15.74
CA ILE A 66 -2.09 7.92 14.52
C ILE A 66 -3.22 8.90 14.76
N HIS A 67 -3.78 8.94 15.96
CA HIS A 67 -4.96 9.78 16.23
C HIS A 67 -4.61 10.98 17.11
N GLU A 69 -2.60 10.35 20.43
CA GLU A 69 -2.20 9.64 21.65
C GLU A 69 -3.43 9.22 22.45
N LEU A 70 -4.54 9.01 21.75
CA LEU A 70 -5.82 8.88 22.42
C LEU A 70 -6.06 7.46 22.95
N PRO A 71 -6.24 6.44 22.09
CA PRO A 71 -6.76 5.15 22.61
C PRO A 71 -5.93 4.59 23.75
N TYR A 72 -6.60 3.82 24.62
CA TYR A 72 -6.03 3.50 25.94
C TYR A 72 -4.65 2.88 25.83
N GLY A 73 -4.42 2.04 24.82
CA GLY A 73 -3.21 1.28 24.74
C GLY A 73 -2.17 1.75 23.75
N THR A 74 -2.33 2.96 23.19
CA THR A 74 -1.43 3.45 22.15
C THR A 74 0.01 3.41 22.59
N LEU A 75 0.88 2.93 21.71
CA LEU A 75 2.32 3.06 21.90
C LEU A 75 2.81 4.27 21.14
N THR A 76 3.75 4.99 21.73
CA THR A 76 4.41 6.04 20.99
C THR A 76 5.32 5.41 19.94
N ASP A 77 5.77 6.27 19.02
CA ASP A 77 6.66 5.82 17.96
C ASP A 77 7.96 5.26 18.52
N ASP A 78 8.46 5.83 19.61
CA ASP A 78 9.69 5.28 20.18
C ASP A 78 9.44 3.93 20.82
N GLU A 79 8.29 3.78 21.48
CA GLU A 79 7.96 2.50 22.10
C GLU A 79 7.83 1.40 21.06
N MET A 80 7.05 1.67 19.99
CA MET A 80 7.01 0.81 18.80
C MET A 80 8.41 0.44 18.33
N ARG A 81 9.23 1.45 18.03
CA ARG A 81 10.60 1.23 17.55
C ARG A 81 11.39 0.35 18.51
N ARG A 82 11.10 0.45 19.80
CA ARG A 82 12.00 -0.07 20.81
C ARG A 82 11.61 -1.48 21.27
N LEU A 83 10.46 -1.99 20.79
CA LEU A 83 10.06 -3.37 21.06
C LEU A 83 11.11 -4.36 20.59
N ASN A 84 11.20 -5.47 21.32
CA ASN A 84 12.28 -6.42 21.04
C ASN A 84 11.87 -7.48 20.02
N ILE A 85 11.27 -7.05 18.91
CA ILE A 85 10.94 -7.92 17.78
C ILE A 85 12.16 -8.73 17.31
N PRO A 86 13.37 -8.15 17.26
CA PRO A 86 14.53 -8.91 16.73
C PRO A 86 14.81 -10.26 17.39
N VAL A 87 14.44 -10.48 18.66
CA VAL A 87 14.78 -11.76 19.29
C VAL A 87 13.79 -12.86 18.92
N LEU A 88 12.59 -12.50 18.42
CA LEU A 88 11.53 -13.47 18.18
C LEU A 88 11.80 -14.42 17.00
N GLN A 89 12.67 -14.07 16.05
CA GLN A 89 12.87 -14.93 14.88
C GLN A 89 14.34 -14.93 14.46
N ASP A 90 14.74 -16.04 13.83
CA ASP A 90 15.95 -16.12 13.02
C ASP A 90 15.64 -16.14 11.53
N ASP A 91 14.70 -16.97 11.10
CA ASP A 91 14.34 -17.00 9.70
C ASP A 91 12.84 -17.12 9.60
N GLY A 92 12.23 -16.21 8.86
CA GLY A 92 10.80 -16.27 8.72
C GLY A 92 10.25 -14.91 8.36
N PHE A 93 8.95 -14.78 8.55
CA PHE A 93 8.19 -13.66 8.04
C PHE A 93 7.53 -12.88 9.17
N LEU A 94 7.40 -11.58 8.93
CA LEU A 94 6.67 -10.66 9.80
C LEU A 94 5.49 -10.11 9.03
N PHE A 95 4.33 -10.08 9.68
CA PHE A 95 3.10 -9.51 9.13
C PHE A 95 2.68 -8.34 10.01
N LEU A 96 2.65 -7.14 9.44
CA LEU A 96 2.54 -5.87 10.18
C LEU A 96 1.40 -4.98 9.63
N TRP A 97 0.28 -4.95 10.32
CA TRP A 97 -0.84 -4.11 9.89
C TRP A 97 -0.50 -2.65 10.05
N VAL A 98 -0.75 -1.88 9.00
CA VAL A 98 -0.39 -0.47 8.98
C VAL A 98 -1.56 0.33 8.43
N THR A 99 -1.64 1.59 8.84
CA THR A 99 -2.71 2.49 8.42
C THR A 99 -2.21 3.93 8.58
N GLY A 100 -2.79 4.83 7.78
CA GLY A 100 -2.41 6.23 7.87
C GLY A 100 -0.91 6.44 7.78
N ARG A 101 -0.34 7.19 8.72
CA ARG A 101 1.10 7.44 8.66
C ARG A 101 1.92 6.25 9.13
N ALA A 102 1.31 5.27 9.80
CA ALA A 102 2.05 4.05 10.11
C ALA A 102 2.42 3.29 8.84
N MET A 103 1.80 3.61 7.70
CA MET A 103 2.27 3.07 6.43
C MET A 103 3.76 3.35 6.26
N GLU A 104 4.19 4.54 6.69
CA GLU A 104 5.60 4.90 6.67
C GLU A 104 6.33 4.39 7.91
N LEU A 105 5.73 4.63 9.09
CA LEU A 105 6.39 4.29 10.34
C LEU A 105 6.58 2.78 10.49
N GLY A 106 5.62 2.00 10.00
CA GLY A 106 5.76 0.56 10.08
C GLY A 106 6.88 0.03 9.21
N ARG A 107 7.06 0.64 8.03
CA ARG A 107 8.23 0.34 7.21
C ARG A 107 9.52 0.63 7.95
N GLU A 108 9.56 1.75 8.67
CA GLU A 108 10.72 2.13 9.47
C GLU A 108 11.01 1.07 10.53
N CYS A 109 10.03 0.79 11.39
CA CYS A 109 10.17 -0.26 12.41
C CYS A 109 10.61 -1.57 11.79
N LEU A 110 9.96 -1.97 10.71
CA LEU A 110 10.28 -3.22 10.06
C LEU A 110 11.75 -3.27 9.67
N ASN A 111 12.25 -2.19 9.06
CA ASN A 111 13.66 -2.07 8.70
C ASN A 111 14.55 -2.02 9.94
N LEU A 112 14.18 -1.20 10.94
CA LEU A 112 14.98 -1.15 12.17
C LEU A 112 15.04 -2.51 12.85
N TRP A 113 13.95 -3.27 12.82
CA TRP A 113 13.93 -4.59 13.45
C TRP A 113 14.66 -5.65 12.63
N GLY A 114 15.19 -5.31 11.46
CA GLY A 114 15.98 -6.25 10.68
C GLY A 114 15.24 -7.01 9.57
N TYR A 115 14.13 -6.48 9.08
CA TYR A 115 13.37 -7.12 8.01
C TYR A 115 13.47 -6.30 6.73
N GLU A 116 13.41 -6.98 5.60
CA GLU A 116 13.12 -6.34 4.32
C GLU A 116 11.65 -6.54 4.02
N ARG A 117 10.96 -5.48 3.61
CA ARG A 117 9.57 -5.66 3.21
C ARG A 117 9.51 -6.26 1.80
N VAL A 118 9.01 -7.48 1.69
CA VAL A 118 8.94 -8.19 0.41
C VAL A 118 7.52 -8.34 -0.15
N ASP A 119 6.48 -8.00 0.59
CA ASP A 119 5.13 -8.06 0.04
C ASP A 119 4.25 -7.10 0.83
N GLU A 120 3.04 -6.92 0.35
CA GLU A 120 2.07 -6.08 1.03
C GLU A 120 0.70 -6.64 0.73
N ILE A 121 0.05 -7.17 1.75
CA ILE A 121 -1.31 -7.68 1.64
C ILE A 121 -2.28 -6.52 1.81
N ILE A 122 -3.31 -6.47 0.97
CA ILE A 122 -4.41 -5.55 1.23
C ILE A 122 -5.69 -6.36 1.39
N TRP A 123 -6.53 -5.94 2.31
CA TRP A 123 -7.79 -6.61 2.58
C TRP A 123 -8.90 -5.68 2.09
N VAL A 124 -9.59 -6.09 1.03
CA VAL A 124 -10.73 -5.31 0.55
C VAL A 124 -11.93 -5.66 1.44
N LYS A 125 -12.43 -4.64 2.15
CA LYS A 125 -13.51 -4.82 3.12
C LYS A 125 -14.86 -4.76 2.40
N THR A 126 -15.65 -5.83 2.49
CA THR A 126 -16.98 -5.88 1.91
C THR A 126 -18.06 -6.02 2.97
N ASN A 127 -19.32 -5.96 2.53
CA ASN A 127 -20.45 -6.36 3.36
C ASN A 127 -20.79 -7.83 3.10
N GLN A 128 -21.94 -8.28 3.58
CA GLN A 128 -22.33 -9.67 3.38
C GLN A 128 -22.79 -9.95 1.96
N LEU A 129 -22.95 -8.91 1.13
CA LEU A 129 -23.33 -9.05 -0.27
C LEU A 129 -22.16 -8.74 -1.22
N GLN A 130 -20.92 -8.81 -0.70
CA GLN A 130 -19.68 -8.72 -1.49
C GLN A 130 -19.53 -7.38 -2.21
N ARG A 131 -19.97 -6.30 -1.54
CA ARG A 131 -19.84 -4.94 -2.04
C ARG A 131 -18.86 -4.17 -1.15
N ILE A 132 -18.08 -3.28 -1.77
CA ILE A 132 -17.07 -2.54 -1.00
C ILE A 132 -17.74 -1.55 -0.05
N ILE A 133 -17.03 -1.20 1.02
CA ILE A 133 -17.56 -0.35 2.08
C ILE A 133 -17.21 1.14 1.88
N HIS A 140 -8.66 11.00 4.09
CA HIS A 140 -8.97 12.42 3.95
C HIS A 140 -9.43 12.79 2.53
N TRP A 141 -8.62 12.47 1.52
CA TRP A 141 -8.93 12.83 0.14
C TRP A 141 -9.80 11.80 -0.57
N LEU A 142 -9.76 10.55 -0.10
CA LEU A 142 -10.45 9.42 -0.68
C LEU A 142 -11.06 8.59 0.43
N ASN A 143 -12.25 8.05 0.19
CA ASN A 143 -12.76 7.04 1.11
C ASN A 143 -11.90 5.79 0.98
N HIS A 144 -11.82 5.02 2.06
CA HIS A 144 -10.89 3.91 2.15
C HIS A 144 -11.64 2.59 2.04
N GLY A 145 -11.25 1.77 1.06
CA GLY A 145 -11.89 0.50 0.82
C GLY A 145 -11.08 -0.69 1.27
N LYS A 146 -10.00 -0.49 2.03
CA LYS A 146 -9.06 -1.56 2.27
C LYS A 146 -8.20 -1.23 3.48
N GLU A 147 -7.67 -2.28 4.09
CA GLU A 147 -6.60 -2.23 5.07
C GLU A 147 -5.34 -2.83 4.46
N HIS A 148 -4.19 -2.33 4.91
CA HIS A 148 -2.89 -2.76 4.43
C HIS A 148 -2.18 -3.57 5.51
N CYS A 149 -1.49 -4.64 5.09
CA CYS A 149 -0.67 -5.45 5.98
C CYS A 149 0.68 -5.70 5.33
N LEU A 150 1.75 -5.22 5.97
CA LEU A 150 3.08 -5.37 5.41
C LEU A 150 3.59 -6.77 5.67
N VAL A 151 4.38 -7.27 4.73
CA VAL A 151 5.00 -8.58 4.84
C VAL A 151 6.50 -8.41 4.73
N GLY A 152 7.23 -8.74 5.79
CA GLY A 152 8.66 -8.58 5.83
C GLY A 152 9.34 -9.93 6.05
N VAL A 153 10.58 -10.04 5.58
CA VAL A 153 11.33 -11.28 5.64
C VAL A 153 12.60 -11.06 6.43
N LYS A 154 13.02 -12.07 7.19
CA LYS A 154 14.25 -12.03 7.96
C LYS A 154 15.03 -13.31 7.71
N GLY A 155 16.32 -13.18 7.43
CA GLY A 155 17.15 -14.34 7.15
C GLY A 155 16.78 -14.94 5.80
N ASN A 156 16.83 -16.26 5.72
CA ASN A 156 16.42 -16.98 4.50
C ASN A 156 15.48 -18.10 4.92
N PRO A 157 14.19 -17.84 4.96
CA PRO A 157 13.23 -18.88 5.33
C PRO A 157 13.19 -19.98 4.27
N GLN A 158 13.33 -21.22 4.72
CA GLN A 158 13.33 -22.37 3.83
C GLN A 158 12.12 -23.25 4.10
N GLY A 159 11.53 -23.78 3.03
CA GLY A 159 10.45 -24.73 3.14
C GLY A 159 9.10 -24.10 3.33
N PHE A 160 8.96 -22.85 2.92
CA PHE A 160 7.70 -22.16 3.01
C PHE A 160 7.02 -22.28 1.66
N ASN A 161 5.69 -22.28 1.69
CA ASN A 161 4.92 -22.38 0.45
C ASN A 161 4.60 -20.97 -0.07
N GLN A 162 5.67 -20.29 -0.48
CA GLN A 162 5.53 -19.00 -1.11
C GLN A 162 4.76 -19.16 -2.42
N GLY A 163 3.82 -18.25 -2.68
CA GLY A 163 3.06 -18.25 -3.92
C GLY A 163 1.74 -18.99 -3.90
N LEU A 164 1.34 -19.57 -2.77
CA LEU A 164 0.06 -20.27 -2.71
C LEU A 164 -1.12 -19.30 -2.78
N ASP A 165 -1.03 -18.18 -2.07
CA ASP A 165 -2.11 -17.20 -2.02
C ASP A 165 -1.73 -15.92 -2.76
N CYS A 166 -2.74 -15.12 -3.08
CA CYS A 166 -2.43 -13.83 -3.66
CA CYS A 166 -2.62 -13.80 -3.68
C CYS A 166 -2.51 -12.73 -2.61
N ASP A 167 -1.94 -11.57 -2.98
CA ASP A 167 -1.77 -10.49 -2.03
C ASP A 167 -3.04 -9.68 -1.78
N VAL A 168 -4.22 -10.22 -2.13
CA VAL A 168 -5.48 -9.51 -1.96
C VAL A 168 -6.45 -10.40 -1.18
N ILE A 169 -6.94 -9.91 -0.05
CA ILE A 169 -7.99 -10.58 0.70
C ILE A 169 -9.32 -9.89 0.42
N VAL A 170 -10.38 -10.69 0.32
CA VAL A 170 -11.76 -10.21 0.21
C VAL A 170 -12.57 -10.89 1.30
N ALA A 171 -13.06 -10.10 2.25
CA ALA A 171 -13.74 -10.66 3.42
C ALA A 171 -14.65 -9.59 4.00
N GLU A 172 -15.65 -10.04 4.75
CA GLU A 172 -16.66 -9.16 5.31
C GLU A 172 -16.12 -8.54 6.59
N VAL A 173 -16.22 -7.22 6.68
CA VAL A 173 -15.89 -6.53 7.93
C VAL A 173 -16.81 -7.09 9.00
N ARG A 174 -16.28 -7.98 9.86
CA ARG A 174 -17.11 -8.62 10.87
C ARG A 174 -17.41 -7.58 11.95
N SER A 175 -16.58 -7.51 12.98
CA SER A 175 -16.70 -6.42 13.93
C SER A 175 -15.66 -5.37 13.59
N THR A 176 -15.89 -4.16 14.11
CA THR A 176 -14.90 -3.10 13.95
C THR A 176 -13.60 -3.55 14.60
N SER A 177 -12.49 -3.05 14.08
CA SER A 177 -11.15 -3.28 14.63
C SER A 177 -10.73 -4.76 14.65
N HIS A 178 -11.52 -5.64 14.02
CA HIS A 178 -11.17 -7.04 13.87
C HIS A 178 -10.40 -7.23 12.58
N LYS A 179 -9.45 -8.10 12.61
CA LYS A 179 -8.80 -8.39 11.34
C LYS A 179 -9.47 -9.63 10.75
N PRO A 180 -9.43 -9.81 9.43
CA PRO A 180 -10.15 -10.94 8.80
C PRO A 180 -9.50 -12.24 9.22
N ASP A 181 -10.31 -13.24 9.57
CA ASP A 181 -9.78 -14.55 9.95
C ASP A 181 -9.01 -15.23 8.83
N GLU A 182 -9.16 -14.76 7.60
CA GLU A 182 -8.49 -15.37 6.45
C GLU A 182 -6.97 -15.24 6.51
N ILE A 183 -6.44 -14.28 7.28
CA ILE A 183 -5.00 -14.09 7.34
C ILE A 183 -4.32 -15.31 7.95
N TYR A 184 -4.97 -15.91 8.95
CA TYR A 184 -4.41 -17.11 9.57
C TYR A 184 -4.34 -18.26 8.59
N GLY A 185 -5.38 -18.45 7.76
CA GLY A 185 -5.32 -19.49 6.75
C GLY A 185 -4.19 -19.29 5.78
N MET A 186 -3.99 -18.04 5.32
CA MET A 186 -2.88 -17.76 4.41
C MET A 186 -1.57 -18.07 5.09
N ILE A 187 -1.46 -17.71 6.37
CA ILE A 187 -0.21 -17.90 7.10
C ILE A 187 0.03 -19.38 7.36
N GLU A 188 -1.04 -20.12 7.69
CA GLU A 188 -0.90 -21.57 7.88
C GLU A 188 -0.52 -22.27 6.58
N ARG A 189 -1.15 -21.90 5.46
CA ARG A 189 -0.74 -22.51 4.20
C ARG A 189 0.69 -22.14 3.87
N LEU A 190 1.11 -20.92 4.22
CA LEU A 190 2.47 -20.50 3.93
C LEU A 190 3.48 -21.26 4.77
N SER A 191 3.18 -21.47 6.05
CA SER A 191 4.11 -22.11 6.99
C SER A 191 3.35 -23.07 7.87
N PRO A 192 3.01 -24.26 7.36
CA PRO A 192 2.14 -25.17 8.12
C PRO A 192 2.88 -25.87 9.24
N GLY A 193 2.22 -25.95 10.40
CA GLY A 193 2.74 -26.63 11.57
C GLY A 193 3.64 -25.80 12.48
N THR A 194 4.28 -24.77 11.95
CA THR A 194 5.30 -24.00 12.68
C THR A 194 4.68 -23.16 13.81
N ARG A 195 5.54 -22.69 14.72
CA ARG A 195 5.13 -21.81 15.81
C ARG A 195 4.97 -20.38 15.34
N LYS A 196 3.89 -19.74 15.76
CA LYS A 196 3.57 -18.37 15.37
C LYS A 196 3.29 -17.52 16.61
N ILE A 197 3.54 -16.23 16.49
CA ILE A 197 3.25 -15.33 17.60
C ILE A 197 2.56 -14.07 17.10
N GLU A 198 1.48 -13.68 17.80
CA GLU A 198 0.74 -12.45 17.54
C GLU A 198 1.01 -11.49 18.69
N LEU A 199 1.29 -10.23 18.35
CA LEU A 199 1.41 -9.14 19.32
C LEU A 199 0.24 -8.19 19.17
N PHE A 200 -0.36 -7.81 20.32
CA PHE A 200 -1.51 -6.93 20.43
C PHE A 200 -2.75 -7.61 19.88
N GLY A 201 -2.84 -8.92 20.07
CA GLY A 201 -4.06 -9.62 19.76
C GLY A 201 -5.10 -9.50 20.87
N ARG A 202 -6.30 -9.92 20.56
CA ARG A 202 -7.41 -9.93 21.50
C ARG A 202 -7.87 -11.37 21.66
N PRO A 203 -8.72 -11.67 22.64
CA PRO A 203 -9.12 -13.08 22.84
C PRO A 203 -9.62 -13.77 21.58
N HIS A 204 -10.28 -13.04 20.68
CA HIS A 204 -10.80 -13.68 19.47
C HIS A 204 -9.71 -14.07 18.49
N ASN A 205 -8.47 -13.64 18.72
CA ASN A 205 -7.37 -13.95 17.83
C ASN A 205 -6.64 -15.22 18.22
N VAL A 206 -6.87 -15.74 19.44
CA VAL A 206 -6.13 -16.93 19.86
C VAL A 206 -6.45 -18.05 18.90
N GLN A 207 -5.40 -18.76 18.51
CA GLN A 207 -5.40 -19.72 17.41
C GLN A 207 -4.52 -20.88 17.81
N PRO A 208 -4.79 -22.08 17.29
CA PRO A 208 -3.82 -23.16 17.44
C PRO A 208 -2.52 -22.80 16.71
N ASN A 209 -1.41 -23.37 17.19
CA ASN A 209 -0.07 -23.04 16.71
C ASN A 209 0.35 -21.61 16.98
N TRP A 210 -0.48 -20.80 17.65
CA TRP A 210 -0.13 -19.42 17.98
C TRP A 210 -0.04 -19.19 19.49
N ILE A 211 0.87 -18.30 19.87
CA ILE A 211 0.88 -17.67 21.19
C ILE A 211 0.43 -16.23 20.99
N THR A 212 -0.60 -15.80 21.71
CA THR A 212 -1.17 -14.48 21.50
C THR A 212 -0.86 -13.56 22.68
N LEU A 213 -0.38 -12.35 22.39
CA LEU A 213 -0.03 -11.41 23.45
C LEU A 213 -0.86 -10.14 23.34
N GLY A 214 -1.38 -9.68 24.49
CA GLY A 214 -2.12 -8.44 24.56
C GLY A 214 -2.49 -8.17 26.01
N ASN A 215 -2.93 -6.94 26.27
CA ASN A 215 -3.25 -6.58 27.65
C ASN A 215 -4.73 -6.70 27.98
N GLN A 216 -5.55 -7.23 27.06
CA GLN A 216 -6.94 -7.55 27.34
C GLN A 216 -7.22 -9.03 27.21
N LEU A 217 -6.19 -9.88 27.32
CA LEU A 217 -6.41 -11.31 27.35
C LEU A 217 -6.71 -11.77 28.77
N ASP A 218 -7.36 -12.92 28.85
CA ASP A 218 -7.79 -13.46 30.14
C ASP A 218 -6.63 -14.24 30.71
N GLY A 219 -5.83 -13.57 31.54
CA GLY A 219 -4.75 -14.22 32.25
C GLY A 219 -3.64 -14.75 31.34
N ILE A 220 -3.01 -15.83 31.80
CA ILE A 220 -1.83 -16.41 31.18
C ILE A 220 -2.11 -17.88 30.99
N HIS A 221 -2.11 -18.34 29.73
CA HIS A 221 -2.41 -19.73 29.38
C HIS A 221 -1.33 -20.30 28.46
N LEU A 222 -0.44 -21.11 29.02
CA LEU A 222 0.74 -21.61 28.33
C LEU A 222 0.81 -23.13 28.49
N LEU A 223 1.27 -23.81 27.44
CA LEU A 223 1.28 -25.27 27.45
C LEU A 223 2.56 -25.89 26.88
N ASP A 224 3.22 -25.26 25.90
CA ASP A 224 4.58 -25.62 25.48
C ASP A 224 5.50 -25.75 26.70
N PRO A 225 6.04 -26.94 26.98
CA PRO A 225 6.84 -27.09 28.20
C PRO A 225 8.05 -26.17 28.28
N ASP A 226 8.78 -25.99 27.18
CA ASP A 226 9.92 -25.07 27.19
C ASP A 226 9.48 -23.68 27.63
N VAL A 227 8.39 -23.19 27.06
CA VAL A 227 7.91 -21.84 27.38
C VAL A 227 7.47 -21.77 28.84
N VAL A 228 6.74 -22.78 29.31
CA VAL A 228 6.30 -22.84 30.71
C VAL A 228 7.50 -22.83 31.64
N ALA A 229 8.53 -23.60 31.30
CA ALA A 229 9.77 -23.60 32.08
C ALA A 229 10.37 -22.20 32.18
N ARG A 230 10.62 -21.56 31.03
CA ARG A 230 11.28 -20.27 31.06
C ARG A 230 10.41 -19.20 31.69
N PHE A 231 9.09 -19.29 31.51
CA PHE A 231 8.22 -18.30 32.12
C PHE A 231 8.25 -18.42 33.65
N LYS A 232 8.14 -19.64 34.18
CA LYS A 232 8.21 -19.80 35.63
C LYS A 232 9.54 -19.29 36.17
N GLN A 233 10.63 -19.48 35.42
CA GLN A 233 11.95 -19.02 35.86
C GLN A 233 12.08 -17.51 35.80
N ARG A 234 11.69 -16.89 34.68
CA ARG A 234 11.79 -15.44 34.59
C ARG A 234 10.80 -14.74 35.51
N TYR A 235 9.65 -15.37 35.77
CA TYR A 235 8.55 -14.76 36.49
C TYR A 235 8.07 -15.72 37.58
N PRO A 236 8.89 -15.92 38.62
CA PRO A 236 8.57 -16.96 39.60
C PRO A 236 7.33 -16.67 40.41
N ASP A 237 6.93 -15.41 40.53
CA ASP A 237 5.69 -15.05 41.21
C ASP A 237 4.57 -14.71 40.26
N GLY A 238 4.77 -14.94 38.96
CA GLY A 238 3.73 -14.76 37.97
C GLY A 238 3.37 -13.33 37.65
N ILE A 239 4.09 -12.34 38.18
CA ILE A 239 3.85 -10.93 37.87
C ILE A 239 4.80 -10.49 36.76
N ILE A 240 4.30 -9.66 35.86
CA ILE A 240 5.10 -9.17 34.73
C ILE A 240 5.15 -7.65 34.86
N SER A 241 6.19 -7.14 35.49
CA SER A 241 6.26 -5.71 35.80
C SER A 241 7.49 -5.06 35.16
N LYS A 242 7.49 -3.74 35.17
CA LYS A 242 8.67 -2.92 34.83
C LYS A 242 9.25 -3.24 33.46
N ASN B 12 -17.75 -17.56 3.80
CA ASN B 12 -17.00 -18.12 2.68
C ASN B 12 -15.59 -17.54 2.64
N ASP B 13 -14.61 -18.38 2.33
CA ASP B 13 -13.20 -17.99 2.34
C ASP B 13 -12.69 -17.93 0.90
N TYR B 14 -12.53 -16.69 0.39
CA TYR B 14 -12.10 -16.51 -1.00
C TYR B 14 -10.60 -16.77 -1.18
N CYS B 15 -9.81 -16.61 -0.11
CA CYS B 15 -8.38 -16.95 -0.20
C CYS B 15 -8.20 -18.46 -0.33
N GLN B 16 -9.02 -19.24 0.37
CA GLN B 16 -9.02 -20.69 0.19
C GLN B 16 -9.57 -21.06 -1.18
N HIS B 17 -10.65 -20.40 -1.60
CA HIS B 17 -11.21 -20.65 -2.92
C HIS B 17 -10.20 -20.36 -4.02
N PHE B 18 -9.42 -19.28 -3.90
CA PHE B 18 -8.40 -19.01 -4.91
C PHE B 18 -7.37 -20.13 -4.93
N VAL B 19 -6.96 -20.60 -3.75
CA VAL B 19 -6.07 -21.75 -3.67
C VAL B 19 -6.72 -22.96 -4.34
N ASP B 20 -8.03 -23.10 -4.20
CA ASP B 20 -8.73 -24.25 -4.76
C ASP B 20 -8.90 -24.16 -6.27
N THR B 21 -9.27 -22.98 -6.79
CA THR B 21 -9.76 -22.89 -8.16
C THR B 21 -8.97 -21.94 -9.05
N GLY B 22 -8.04 -21.16 -8.50
CA GLY B 22 -7.32 -20.19 -9.30
C GLY B 22 -8.06 -18.89 -9.57
N HIS B 23 -9.24 -18.70 -8.98
CA HIS B 23 -9.97 -17.44 -9.11
C HIS B 23 -9.56 -16.49 -8.00
N ARG B 24 -9.00 -15.35 -8.37
CA ARG B 24 -8.53 -14.39 -7.38
C ARG B 24 -9.69 -13.90 -6.52
N PRO B 25 -9.48 -13.69 -5.23
CA PRO B 25 -10.58 -13.23 -4.38
C PRO B 25 -11.26 -12.01 -4.95
N GLN B 26 -10.51 -11.12 -5.61
CA GLN B 26 -11.11 -9.91 -6.18
C GLN B 26 -12.11 -10.22 -7.29
N ASN B 27 -12.09 -11.44 -7.83
CA ASN B 27 -13.04 -11.80 -8.87
C ASN B 27 -14.48 -11.74 -8.39
N PHE B 28 -14.73 -11.84 -7.08
CA PHE B 28 -16.09 -11.96 -6.58
C PHE B 28 -16.59 -10.69 -5.92
N ILE B 29 -15.91 -9.57 -6.13
CA ILE B 29 -16.45 -8.29 -5.72
C ILE B 29 -17.52 -7.86 -6.73
N ARG B 30 -18.74 -7.65 -6.26
CA ARG B 30 -19.80 -7.08 -7.09
C ARG B 30 -19.64 -5.56 -7.14
N ASP B 31 -19.46 -5.00 -8.33
CA ASP B 31 -19.11 -3.58 -8.47
C ASP B 31 -20.32 -2.68 -8.23
N ARG B 45 -25.18 11.13 -5.26
CA ARG B 45 -26.10 10.31 -6.06
C ARG B 45 -26.21 10.82 -7.50
N GLU B 46 -25.33 10.30 -8.37
CA GLU B 46 -25.35 10.54 -9.82
C GLU B 46 -25.40 12.02 -10.17
N LEU B 47 -24.83 12.86 -9.29
CA LEU B 47 -24.56 14.25 -9.61
C LEU B 47 -23.10 14.51 -9.90
N ILE B 48 -22.22 13.56 -9.54
CA ILE B 48 -20.79 13.62 -9.80
C ILE B 48 -20.54 13.70 -11.31
N ARG B 49 -21.59 13.50 -12.10
CA ARG B 49 -21.49 13.68 -13.54
C ARG B 49 -21.47 15.16 -13.91
N LEU B 50 -22.13 16.02 -13.13
CA LEU B 50 -22.05 17.45 -13.40
C LEU B 50 -20.63 17.96 -13.19
N LYS B 51 -19.96 17.49 -12.13
CA LYS B 51 -18.55 17.79 -11.95
C LYS B 51 -17.75 17.42 -13.19
N ASP B 52 -17.98 16.21 -13.70
CA ASP B 52 -17.29 15.77 -14.92
C ASP B 52 -17.54 16.72 -16.08
N GLU B 53 -18.75 17.29 -16.16
CA GLU B 53 -19.07 18.23 -17.23
C GLU B 53 -18.31 19.53 -17.07
N LEU B 54 -18.18 20.02 -15.83
CA LEU B 54 -17.37 21.21 -15.57
C LEU B 54 -15.91 20.95 -15.91
N ILE B 55 -15.34 19.86 -15.39
CA ILE B 55 -13.99 19.46 -15.74
C ILE B 55 -13.80 19.46 -17.24
N ALA B 56 -14.74 18.86 -17.97
CA ALA B 56 -14.67 18.83 -19.43
C ALA B 56 -14.70 20.25 -20.03
N LYS B 57 -15.47 21.15 -19.42
CA LYS B 57 -15.55 22.52 -19.94
C LYS B 57 -14.22 23.27 -19.74
N SER B 58 -13.67 23.25 -18.53
CA SER B 58 -12.46 24.04 -18.29
C SER B 58 -11.18 23.38 -18.81
N ASN B 59 -11.24 22.17 -19.36
CA ASN B 59 -10.01 21.46 -19.74
C ASN B 59 -9.27 22.21 -20.85
N THR B 60 -7.98 22.43 -20.65
CA THR B 60 -7.17 22.98 -21.71
C THR B 60 -7.09 21.97 -22.86
N PRO B 61 -6.77 22.42 -24.07
CA PRO B 61 -6.51 21.48 -25.15
C PRO B 61 -5.43 20.48 -24.75
N PRO B 62 -5.46 19.29 -25.30
CA PRO B 62 -4.38 18.34 -25.00
C PRO B 62 -3.06 18.86 -25.53
N MET B 63 -2.03 18.84 -24.68
CA MET B 63 -0.69 19.20 -25.13
C MET B 63 0.29 18.09 -24.78
N TYR B 64 1.27 17.93 -25.64
CA TYR B 64 2.10 16.74 -25.62
C TYR B 64 3.42 17.11 -26.26
N LEU B 65 4.46 16.37 -25.89
CA LEU B 65 5.83 16.65 -26.32
C LEU B 65 6.62 15.36 -26.20
N GLN B 66 7.19 14.88 -27.29
CA GLN B 66 8.07 13.74 -27.15
C GLN B 66 9.39 14.26 -26.61
N ALA B 67 10.01 13.47 -25.74
CA ALA B 67 11.20 13.89 -25.03
C ALA B 67 11.81 12.69 -24.34
N ASP B 68 13.11 12.47 -24.56
CA ASP B 68 13.83 11.43 -23.83
C ASP B 68 14.16 12.00 -22.47
N ILE B 69 13.39 11.61 -21.46
CA ILE B 69 13.39 12.29 -20.16
C ILE B 69 14.71 12.13 -19.40
N GLU B 70 15.47 11.06 -19.69
CA GLU B 70 16.80 10.89 -19.08
C GLU B 70 17.77 11.99 -19.50
N ALA B 71 17.58 12.55 -20.69
CA ALA B 71 18.49 13.53 -21.30
C ALA B 71 17.89 14.92 -21.35
N PHE B 72 16.61 15.03 -21.05
CA PHE B 72 15.87 16.27 -21.18
C PHE B 72 16.00 17.04 -19.88
N ASP B 73 16.17 18.36 -19.99
CA ASP B 73 16.20 19.19 -18.78
C ASP B 73 14.74 19.48 -18.40
N ILE B 74 14.33 18.93 -17.26
CA ILE B 74 12.93 19.01 -16.88
C ILE B 74 12.50 20.45 -16.64
N ARG B 75 13.43 21.31 -16.21
CA ARG B 75 13.08 22.70 -15.89
C ARG B 75 12.50 23.42 -17.10
N GLU B 76 12.85 22.97 -18.30
CA GLU B 76 12.28 23.48 -19.55
C GLU B 76 10.76 23.35 -19.62
N LEU B 77 10.16 22.51 -18.77
CA LEU B 77 8.70 22.33 -18.74
C LEU B 77 8.10 23.32 -17.76
N THR B 78 7.35 24.29 -18.27
CA THR B 78 6.76 25.35 -17.46
C THR B 78 5.35 25.63 -17.94
N PRO B 79 4.51 26.29 -17.10
CA PRO B 79 4.79 26.78 -15.74
C PRO B 79 4.83 25.64 -14.75
N LYS B 80 4.76 25.95 -13.47
CA LYS B 80 4.83 24.90 -12.47
C LYS B 80 3.49 24.20 -12.41
N PHE B 81 3.53 22.93 -12.02
CA PHE B 81 2.38 22.06 -12.20
C PHE B 81 1.62 21.89 -10.89
N ASP B 82 0.28 21.87 -11.01
CA ASP B 82 -0.55 21.57 -9.86
C ASP B 82 -0.67 20.07 -9.63
N VAL B 83 -0.54 19.27 -10.70
CA VAL B 83 -0.69 17.82 -10.65
C VAL B 83 0.38 17.20 -11.53
N ILE B 84 1.09 16.21 -11.01
CA ILE B 84 2.03 15.45 -11.81
C ILE B 84 1.68 13.98 -11.71
N LEU B 85 1.36 13.37 -12.85
CA LEU B 85 1.19 11.93 -12.96
C LEU B 85 2.47 11.34 -13.52
N LEU B 86 3.09 10.45 -12.75
CA LEU B 86 4.41 9.94 -13.10
C LEU B 86 4.33 8.42 -13.24
N GLU B 87 4.70 7.93 -14.44
CA GLU B 87 4.40 6.54 -14.82
C GLU B 87 5.62 5.92 -15.51
N PRO B 88 6.75 5.85 -14.81
CA PRO B 88 7.99 5.37 -15.43
C PRO B 88 7.89 3.90 -15.79
N PRO B 89 8.44 3.49 -16.92
CA PRO B 89 8.28 2.08 -17.35
C PRO B 89 9.16 1.15 -16.54
N LEU B 90 8.60 0.57 -15.47
CA LEU B 90 9.39 -0.31 -14.64
C LEU B 90 9.62 -1.63 -15.36
N GLU B 91 10.82 -2.19 -15.16
CA GLU B 91 11.16 -3.48 -15.77
C GLU B 91 10.23 -4.58 -15.30
N GLU B 92 9.67 -4.47 -14.10
CA GLU B 92 8.71 -5.47 -13.68
C GLU B 92 7.45 -5.44 -14.53
N TYR B 93 7.17 -4.35 -15.26
CA TYR B 93 6.01 -4.36 -16.16
C TYR B 93 6.22 -5.25 -17.39
N TYR B 94 7.41 -5.80 -17.61
CA TYR B 94 7.69 -6.66 -18.75
C TYR B 94 8.05 -8.05 -18.23
N ARG B 95 7.29 -9.05 -18.66
CA ARG B 95 7.39 -10.38 -18.06
C ARG B 95 6.73 -11.44 -18.94
N LYS B 104 13.40 0.99 -23.43
CA LYS B 104 14.19 1.30 -22.24
C LYS B 104 13.36 1.24 -20.95
N CYS B 105 13.73 0.36 -20.04
CA CYS B 105 13.10 0.33 -18.72
C CYS B 105 13.83 1.29 -17.79
N TRP B 106 13.11 1.79 -16.81
CA TRP B 106 13.65 2.70 -15.80
C TRP B 106 13.81 1.96 -14.48
N THR B 107 14.94 2.19 -13.82
CA THR B 107 15.19 1.69 -12.48
C THR B 107 14.79 2.74 -11.46
N TRP B 108 14.60 2.30 -10.22
CA TRP B 108 14.29 3.29 -9.20
C TRP B 108 15.48 4.20 -8.97
N ASP B 109 16.68 3.75 -9.34
CA ASP B 109 17.86 4.61 -9.38
C ASP B 109 17.62 5.79 -10.32
N ASP B 110 17.19 5.52 -11.55
CA ASP B 110 16.92 6.60 -12.50
C ASP B 110 15.76 7.48 -12.03
N ILE B 111 14.68 6.88 -11.54
CA ILE B 111 13.49 7.66 -11.18
C ILE B 111 13.81 8.65 -10.06
N MET B 112 14.47 8.16 -9.01
CA MET B 112 14.83 9.00 -7.88
C MET B 112 15.64 10.23 -8.28
N LYS B 113 16.35 10.19 -9.41
CA LYS B 113 17.22 11.30 -9.79
C LYS B 113 16.51 12.34 -10.64
N LEU B 114 15.24 12.12 -11.01
CA LEU B 114 14.48 13.15 -11.71
C LEU B 114 14.29 14.35 -10.80
N GLU B 115 14.37 15.56 -11.37
CA GLU B 115 14.28 16.78 -10.57
C GLU B 115 12.84 17.24 -10.43
N ILE B 116 11.97 16.33 -9.98
CA ILE B 116 10.53 16.59 -9.96
C ILE B 116 10.19 17.85 -9.19
N ASP B 117 10.93 18.14 -8.12
CA ASP B 117 10.66 19.35 -7.34
C ASP B 117 10.93 20.63 -8.13
N GLU B 118 11.71 20.58 -9.20
CA GLU B 118 11.99 21.80 -9.95
C GLU B 118 10.82 22.24 -10.81
N ILE B 119 9.82 21.38 -11.01
CA ILE B 119 8.65 21.76 -11.79
C ILE B 119 7.36 21.72 -10.99
N ALA B 120 7.38 21.24 -9.75
CA ALA B 120 6.16 21.15 -8.95
C ALA B 120 5.82 22.50 -8.33
N ALA B 121 4.55 22.89 -8.41
CA ALA B 121 4.12 24.11 -7.75
C ALA B 121 4.23 23.94 -6.23
N PRO B 122 4.34 25.05 -5.49
CA PRO B 122 4.49 24.95 -4.01
C PRO B 122 3.31 24.25 -3.33
N ARG B 123 2.09 24.43 -3.83
CA ARG B 123 0.97 23.55 -3.51
C ARG B 123 0.70 22.72 -4.76
N SER B 124 0.89 21.41 -4.67
CA SER B 124 0.70 20.53 -5.81
C SER B 124 0.63 19.10 -5.32
N PHE B 125 0.24 18.22 -6.24
CA PHE B 125 0.01 16.81 -5.95
C PHE B 125 0.76 15.95 -6.95
N ILE B 126 1.10 14.75 -6.53
CA ILE B 126 1.80 13.80 -7.38
C ILE B 126 1.12 12.46 -7.25
N PHE B 127 1.04 11.74 -8.36
CA PHE B 127 0.52 10.38 -8.42
C PHE B 127 1.56 9.55 -9.13
N LEU B 128 2.14 8.61 -8.40
CA LEU B 128 3.32 7.84 -8.82
C LEU B 128 2.92 6.38 -8.88
N TRP B 129 3.04 5.80 -10.07
CA TRP B 129 2.78 4.37 -10.24
C TRP B 129 4.01 3.61 -9.77
N CYS B 130 3.83 2.71 -8.81
CA CYS B 130 4.94 2.15 -8.06
C CYS B 130 5.07 0.65 -8.25
N GLY B 131 4.14 0.04 -8.96
CA GLY B 131 4.20 -1.38 -9.19
C GLY B 131 3.75 -2.10 -7.94
N SER B 132 4.50 -3.12 -7.56
CA SER B 132 4.14 -3.92 -6.40
C SER B 132 5.36 -4.55 -5.73
N GLY B 133 6.57 -4.10 -6.04
CA GLY B 133 7.75 -4.63 -5.38
C GLY B 133 8.47 -3.59 -4.55
N GLU B 134 9.78 -3.47 -4.75
CA GLU B 134 10.57 -2.43 -4.09
C GLU B 134 10.04 -1.04 -4.36
N GLY B 135 9.29 -0.86 -5.46
CA GLY B 135 8.67 0.44 -5.73
C GLY B 135 7.83 0.96 -4.59
N LEU B 136 7.17 0.07 -3.85
CA LEU B 136 6.32 0.50 -2.74
C LEU B 136 7.13 1.20 -1.66
N ASP B 137 8.42 0.92 -1.58
CA ASP B 137 9.33 1.53 -0.61
C ASP B 137 10.14 2.64 -1.24
N LEU B 138 10.72 2.39 -2.41
CA LEU B 138 11.50 3.39 -3.10
C LEU B 138 10.63 4.53 -3.61
N GLY B 139 9.39 4.22 -4.02
CA GLY B 139 8.46 5.27 -4.40
C GLY B 139 8.19 6.24 -3.26
N ARG B 140 8.12 5.73 -2.04
CA ARG B 140 7.96 6.62 -0.89
C ARG B 140 9.19 7.51 -0.70
N VAL B 141 10.38 6.94 -0.82
CA VAL B 141 11.62 7.70 -0.74
C VAL B 141 11.62 8.83 -1.75
N CYS B 142 11.16 8.54 -2.98
CA CYS B 142 11.07 9.57 -4.02
C CYS B 142 10.19 10.72 -3.57
N LEU B 143 8.96 10.41 -3.15
CA LEU B 143 8.01 11.42 -2.71
C LEU B 143 8.64 12.34 -1.68
N ARG B 144 9.29 11.76 -0.68
CA ARG B 144 9.94 12.55 0.35
C ARG B 144 11.09 13.37 -0.25
N LYS B 145 11.89 12.74 -1.12
CA LYS B 145 13.00 13.43 -1.76
C LYS B 145 12.53 14.67 -2.54
N TRP B 146 11.37 14.57 -3.18
CA TRP B 146 10.82 15.67 -3.98
C TRP B 146 9.97 16.64 -3.18
N GLY B 147 9.74 16.38 -1.89
CA GLY B 147 9.07 17.33 -1.05
C GLY B 147 7.62 17.04 -0.73
N TYR B 148 7.15 15.86 -1.07
CA TYR B 148 5.78 15.49 -0.79
C TYR B 148 5.72 14.55 0.40
N ARG B 149 4.53 14.50 0.97
CA ARG B 149 4.18 13.51 1.96
C ARG B 149 2.96 12.75 1.42
N ARG B 150 2.95 11.44 1.63
CA ARG B 150 1.95 10.58 1.00
C ARG B 150 0.63 10.65 1.75
N CYS B 151 -0.41 11.16 1.09
CA CYS B 151 -1.73 11.22 1.68
C CYS B 151 -2.64 10.04 1.31
N GLU B 152 -2.45 9.39 0.16
CA GLU B 152 -3.28 8.25 -0.19
C GLU B 152 -2.46 7.17 -0.87
N ASP B 153 -2.86 5.93 -0.64
CA ASP B 153 -2.30 4.76 -1.31
C ASP B 153 -3.43 4.14 -2.13
N ILE B 154 -3.39 4.35 -3.44
CA ILE B 154 -4.43 3.92 -4.36
C ILE B 154 -4.00 2.58 -4.99
N CYS B 155 -4.87 1.58 -4.91
N CYS B 155 -4.87 1.58 -4.90
CA CYS B 155 -4.51 0.24 -5.35
CA CYS B 155 -4.56 0.23 -5.34
C CYS B 155 -5.34 -0.19 -6.55
C CYS B 155 -5.36 -0.17 -6.57
N TRP B 156 -4.64 -0.64 -7.60
CA TRP B 156 -5.24 -1.21 -8.81
C TRP B 156 -5.25 -2.73 -8.65
N ILE B 157 -6.41 -3.27 -8.33
CA ILE B 157 -6.60 -4.70 -8.11
C ILE B 157 -6.99 -5.36 -9.43
N LYS B 158 -6.21 -6.34 -9.85
CA LYS B 158 -6.37 -6.93 -11.18
C LYS B 158 -7.08 -8.27 -11.02
N THR B 159 -8.32 -8.35 -11.51
CA THR B 159 -9.05 -9.60 -11.56
C THR B 159 -8.54 -10.48 -12.70
N ASN B 160 -8.80 -11.78 -12.58
CA ASN B 160 -8.47 -12.79 -13.60
C ASN B 160 -9.70 -13.62 -13.97
N LYS B 161 -10.86 -12.98 -14.07
CA LYS B 161 -12.12 -13.69 -14.37
C LYS B 161 -12.02 -14.51 -15.65
N ASN B 162 -11.17 -14.11 -16.59
CA ASN B 162 -11.05 -14.80 -17.88
C ASN B 162 -9.93 -15.82 -17.94
N ASN B 163 -8.93 -15.76 -17.07
CA ASN B 163 -7.79 -16.68 -17.14
C ASN B 163 -7.40 -17.14 -15.74
N PRO B 164 -8.25 -17.93 -15.06
CA PRO B 164 -7.89 -18.57 -13.78
C PRO B 164 -6.79 -19.64 -13.89
N LEU B 170 6.88 -13.63 -11.01
CA LEU B 170 6.95 -14.40 -9.77
C LEU B 170 8.30 -14.11 -9.10
N ASP B 171 8.41 -12.88 -8.57
CA ASP B 171 9.64 -12.35 -7.98
C ASP B 171 10.19 -13.31 -6.92
N PRO B 172 11.50 -13.59 -6.92
CA PRO B 172 12.06 -14.53 -5.94
C PRO B 172 11.79 -14.13 -4.50
N LYS B 173 11.80 -12.82 -4.22
CA LYS B 173 11.51 -12.34 -2.88
C LYS B 173 10.04 -12.44 -2.53
N ALA B 174 9.17 -12.65 -3.51
CA ALA B 174 7.75 -12.64 -3.26
C ALA B 174 7.35 -13.79 -2.35
N VAL B 175 6.44 -13.50 -1.43
CA VAL B 175 5.82 -14.48 -0.56
C VAL B 175 4.49 -14.88 -1.19
N PHE B 176 3.85 -13.95 -1.87
CA PHE B 176 2.54 -14.21 -2.43
C PHE B 176 2.50 -13.86 -3.91
N GLN B 177 1.48 -14.39 -4.58
CA GLN B 177 1.16 -13.98 -5.94
C GLN B 177 0.73 -12.51 -5.93
N ARG B 178 1.37 -11.71 -6.76
CA ARG B 178 1.13 -10.27 -6.79
C ARG B 178 0.08 -9.94 -7.84
N THR B 179 -1.06 -9.40 -7.38
CA THR B 179 -2.23 -9.22 -8.22
C THR B 179 -2.72 -7.77 -8.23
N LYS B 180 -1.87 -6.84 -7.84
CA LYS B 180 -2.27 -5.45 -7.72
C LYS B 180 -1.05 -4.58 -7.98
N GLU B 181 -1.31 -3.31 -8.26
CA GLU B 181 -0.27 -2.29 -8.46
C GLU B 181 -0.68 -1.08 -7.64
N HIS B 182 0.28 -0.40 -7.04
CA HIS B 182 -0.03 0.76 -6.21
C HIS B 182 0.34 2.04 -6.94
N CYS B 183 -0.52 3.03 -6.81
CA CYS B 183 -0.28 4.38 -7.28
C CYS B 183 -0.32 5.29 -6.05
N LEU B 184 0.82 5.88 -5.68
CA LEU B 184 0.89 6.65 -4.45
C LEU B 184 0.62 8.12 -4.73
N MET B 185 -0.19 8.73 -3.87
CA MET B 185 -0.56 10.13 -4.02
C MET B 185 0.15 10.96 -2.96
N GLY B 186 0.83 12.01 -3.41
CA GLY B 186 1.62 12.86 -2.54
C GLY B 186 1.12 14.29 -2.66
N ILE B 187 1.18 15.00 -1.55
CA ILE B 187 0.84 16.41 -1.45
C ILE B 187 2.08 17.15 -0.96
N LYS B 188 2.26 18.37 -1.44
CA LYS B 188 3.29 19.26 -0.91
C LYS B 188 2.67 20.63 -0.75
N GLY B 189 3.07 21.31 0.30
CA GLY B 189 2.51 22.63 0.53
C GLY B 189 1.23 22.50 1.33
N THR B 190 0.32 23.43 1.16
CA THR B 190 -0.94 23.38 1.89
C THR B 190 -2.14 23.20 0.96
N VAL B 204 -15.48 12.01 -3.02
CA VAL B 204 -16.46 11.13 -3.67
C VAL B 204 -15.89 9.79 -4.20
N ASP B 205 -14.56 9.63 -4.22
CA ASP B 205 -13.92 8.45 -4.78
C ASP B 205 -13.32 7.56 -3.69
N ILE B 206 -13.13 6.28 -4.05
CA ILE B 206 -12.56 5.27 -3.18
C ILE B 206 -11.13 5.01 -3.65
N ASP B 207 -10.29 4.47 -2.75
CA ASP B 207 -8.89 4.26 -3.09
C ASP B 207 -8.62 2.88 -3.71
N LEU B 208 -9.60 2.31 -4.43
CA LEU B 208 -9.43 1.09 -5.21
C LEU B 208 -9.82 1.33 -6.66
N ILE B 209 -9.07 0.70 -7.57
CA ILE B 209 -9.50 0.50 -8.95
C ILE B 209 -9.46 -0.99 -9.26
N ILE B 210 -10.56 -1.52 -9.74
CA ILE B 210 -10.68 -2.94 -10.09
C ILE B 210 -10.94 -3.03 -11.60
N THR B 211 -10.01 -3.68 -12.30
CA THR B 211 -10.19 -4.04 -13.69
C THR B 211 -9.58 -5.42 -13.91
N GLU B 212 -9.89 -6.01 -15.06
CA GLU B 212 -9.30 -7.29 -15.42
C GLU B 212 -7.85 -7.08 -15.82
N GLU B 213 -7.01 -8.06 -15.50
CA GLU B 213 -5.59 -7.95 -15.77
C GLU B 213 -5.31 -7.83 -17.27
N PRO B 214 -4.62 -6.79 -17.71
CA PRO B 214 -4.40 -6.61 -19.15
C PRO B 214 -3.61 -7.78 -19.72
N GLU B 215 -3.80 -8.00 -21.02
CA GLU B 215 -3.04 -9.02 -21.75
C GLU B 215 -1.55 -8.82 -21.54
N ILE B 216 -0.81 -9.94 -21.48
CA ILE B 216 0.61 -9.88 -21.16
C ILE B 216 1.31 -8.96 -22.15
N GLY B 217 2.30 -8.21 -21.68
CA GLY B 217 2.93 -7.19 -22.49
C GLY B 217 2.17 -5.89 -22.64
N ASN B 218 0.96 -5.78 -22.10
CA ASN B 218 0.24 -4.51 -22.06
C ASN B 218 0.61 -3.76 -20.77
N ILE B 219 1.17 -2.57 -20.91
CA ILE B 219 1.63 -1.82 -19.76
C ILE B 219 0.66 -0.73 -19.34
N GLU B 220 -0.43 -0.54 -20.08
CA GLU B 220 -1.33 0.59 -19.82
C GLU B 220 -1.94 0.50 -18.43
N LYS B 221 -1.99 1.62 -17.74
CA LYS B 221 -2.69 1.71 -16.47
C LYS B 221 -4.15 2.07 -16.71
N PRO B 222 -5.04 1.61 -15.84
CA PRO B 222 -6.46 1.96 -16.00
C PRO B 222 -6.65 3.46 -16.08
N VAL B 223 -7.35 3.90 -17.12
CA VAL B 223 -7.74 5.30 -17.28
C VAL B 223 -8.54 5.83 -16.10
N GLU B 224 -9.06 4.95 -15.25
CA GLU B 224 -9.80 5.35 -14.05
C GLU B 224 -8.99 6.31 -13.18
N ILE B 225 -7.67 6.09 -13.11
CA ILE B 225 -6.79 6.98 -12.35
C ILE B 225 -7.03 8.42 -12.77
N PHE B 226 -7.28 8.65 -14.06
CA PHE B 226 -7.51 10.03 -14.48
C PHE B 226 -8.79 10.59 -13.89
N HIS B 227 -9.81 9.76 -13.70
CA HIS B 227 -11.04 10.29 -13.14
C HIS B 227 -10.83 10.63 -11.68
N ILE B 228 -10.20 9.72 -10.93
CA ILE B 228 -9.84 10.02 -9.55
C ILE B 228 -9.07 11.33 -9.45
N ILE B 229 -8.03 11.49 -10.27
CA ILE B 229 -7.26 12.73 -10.22
C ILE B 229 -8.14 13.94 -10.57
N GLU B 230 -8.84 13.88 -11.70
CA GLU B 230 -9.63 15.03 -12.13
C GLU B 230 -10.76 15.33 -11.15
N HIS B 231 -11.37 14.31 -10.54
CA HIS B 231 -12.45 14.56 -9.59
C HIS B 231 -11.98 15.38 -8.37
N PHE B 232 -10.66 15.44 -8.12
CA PHE B 232 -10.15 16.14 -6.93
C PHE B 232 -10.23 17.66 -7.06
N CYS B 233 -10.24 18.20 -8.28
CA CYS B 233 -10.28 19.65 -8.56
C CYS B 233 -9.07 20.37 -7.97
N LEU B 234 -7.88 19.86 -8.27
CA LEU B 234 -6.63 20.33 -7.68
C LEU B 234 -5.97 21.47 -8.44
N GLY B 235 -6.52 21.90 -9.57
CA GLY B 235 -5.84 22.85 -10.43
C GLY B 235 -5.77 22.36 -11.87
N ARG B 236 -5.31 23.26 -12.73
CA ARG B 236 -5.46 23.00 -14.15
C ARG B 236 -4.14 22.67 -14.86
N ARG B 237 -2.98 22.94 -14.24
CA ARG B 237 -1.70 22.61 -14.86
CA ARG B 237 -1.69 22.61 -14.85
C ARG B 237 -1.35 21.17 -14.50
N ARG B 238 -1.67 20.24 -15.40
CA ARG B 238 -1.51 18.81 -15.18
C ARG B 238 -0.47 18.23 -16.14
N LEU B 239 0.54 17.56 -15.57
CA LEU B 239 1.61 16.95 -16.33
C LEU B 239 1.60 15.44 -16.13
N HIS B 240 1.75 14.70 -17.23
CA HIS B 240 1.86 13.25 -17.22
C HIS B 240 3.20 12.88 -17.85
N LEU B 241 4.14 12.44 -17.02
CA LEU B 241 5.47 12.08 -17.49
C LEU B 241 5.50 10.59 -17.82
N PHE B 242 6.04 10.26 -18.99
CA PHE B 242 6.07 8.90 -19.54
C PHE B 242 4.68 8.45 -20.02
N GLY B 243 3.83 9.40 -20.36
CA GLY B 243 2.66 9.10 -21.14
C GLY B 243 3.06 8.64 -22.54
N ARG B 244 2.03 8.27 -23.31
CA ARG B 244 2.19 7.76 -24.66
C ARG B 244 1.14 8.42 -25.55
N ASP B 245 1.24 8.17 -26.87
CA ASP B 245 0.23 8.67 -27.80
C ASP B 245 -1.16 8.30 -27.32
N SER B 246 -1.29 7.14 -26.71
CA SER B 246 -2.55 6.55 -26.28
C SER B 246 -3.05 7.08 -24.95
N THR B 247 -2.27 7.87 -24.23
CA THR B 247 -2.74 8.45 -22.98
C THR B 247 -3.03 9.94 -23.11
N ILE B 248 -2.76 10.54 -24.28
CA ILE B 248 -2.95 11.98 -24.45
C ILE B 248 -4.43 12.29 -24.21
N ARG B 249 -4.70 13.48 -23.69
CA ARG B 249 -5.98 13.67 -23.02
C ARG B 249 -6.24 15.15 -22.74
N PRO B 250 -7.48 15.61 -22.95
CA PRO B 250 -7.81 17.00 -22.65
C PRO B 250 -7.50 17.37 -21.21
N GLY B 251 -7.06 18.61 -21.02
CA GLY B 251 -6.69 19.05 -19.69
C GLY B 251 -5.35 18.58 -19.21
N TRP B 252 -4.56 17.91 -20.05
CA TRP B 252 -3.31 17.32 -19.64
C TRP B 252 -2.21 17.64 -20.62
N LEU B 253 -1.01 17.80 -20.08
CA LEU B 253 0.22 17.87 -20.86
C LEU B 253 1.00 16.56 -20.69
N THR B 254 1.32 15.93 -21.81
CA THR B 254 1.98 14.64 -21.80
C THR B 254 3.39 14.78 -22.36
N VAL B 255 4.37 14.26 -21.61
CA VAL B 255 5.77 14.24 -22.04
C VAL B 255 6.25 12.80 -21.96
N GLY B 256 6.91 12.33 -23.01
CA GLY B 256 7.33 10.96 -23.01
C GLY B 256 8.18 10.58 -24.18
N PRO B 257 9.08 9.60 -23.98
CA PRO B 257 9.98 9.20 -25.06
C PRO B 257 9.30 8.61 -26.29
N THR B 258 8.12 8.02 -26.17
CA THR B 258 7.57 7.30 -27.30
C THR B 258 6.50 8.08 -28.05
N LEU B 259 6.19 9.33 -27.67
CA LEU B 259 5.28 10.12 -28.47
C LEU B 259 5.80 10.27 -29.89
N THR B 260 4.90 10.19 -30.87
CA THR B 260 5.27 10.33 -32.27
C THR B 260 5.12 11.77 -32.74
N ASN B 261 4.42 12.61 -31.97
CA ASN B 261 4.21 14.00 -32.34
C ASN B 261 4.30 14.89 -31.11
N SER B 262 4.60 16.16 -31.36
CA SER B 262 4.63 17.15 -30.30
C SER B 262 3.83 18.36 -30.76
N ASN B 263 3.29 19.07 -29.81
CA ASN B 263 2.65 20.34 -30.08
C ASN B 263 2.92 21.31 -28.94
N TYR B 264 3.73 20.90 -27.98
CA TYR B 264 3.97 21.71 -26.78
C TYR B 264 4.67 22.99 -27.14
N ASN B 265 4.13 24.10 -26.65
CA ASN B 265 4.78 25.40 -26.72
C ASN B 265 4.59 26.11 -25.39
N ALA B 266 5.68 26.40 -24.69
CA ALA B 266 5.62 26.89 -23.32
C ALA B 266 4.83 28.21 -23.20
N GLU B 267 4.91 29.08 -24.19
CA GLU B 267 4.16 30.33 -24.13
C GLU B 267 2.69 30.11 -24.48
N THR B 268 2.40 29.25 -25.46
CA THR B 268 1.02 28.84 -25.67
C THR B 268 0.45 28.19 -24.41
N TYR B 269 1.22 27.27 -23.81
CA TYR B 269 0.73 26.55 -22.66
C TYR B 269 0.46 27.51 -21.51
N ALA B 270 1.42 28.39 -21.20
CA ALA B 270 1.25 29.31 -20.10
C ALA B 270 0.06 30.24 -20.31
N SER B 271 -0.27 30.52 -21.58
CA SER B 271 -1.39 31.42 -21.85
C SER B 271 -2.71 30.83 -21.39
N TYR B 272 -2.80 29.49 -21.29
CA TYR B 272 -4.04 28.87 -20.83
C TYR B 272 -4.38 29.22 -19.40
N PHE B 273 -3.39 29.62 -18.60
CA PHE B 273 -3.60 29.86 -17.18
C PHE B 273 -3.31 31.30 -16.78
N SER B 274 -3.11 32.19 -17.74
CA SER B 274 -2.97 33.61 -17.44
C SER B 274 -4.24 34.14 -16.79
N ALA B 275 -4.11 35.27 -16.11
CA ALA B 275 -5.27 35.95 -15.55
C ALA B 275 -6.32 36.12 -16.65
N PRO B 276 -7.61 35.91 -16.35
CA PRO B 276 -8.15 35.57 -15.01
C PRO B 276 -8.18 34.09 -14.61
N ASN B 277 -7.41 33.21 -15.26
CA ASN B 277 -7.57 31.77 -15.08
C ASN B 277 -6.56 31.13 -14.12
N SER B 278 -5.76 31.93 -13.39
CA SER B 278 -4.60 31.43 -12.67
C SER B 278 -4.95 30.31 -11.70
N TYR B 279 -5.89 30.57 -10.79
CA TYR B 279 -6.08 29.73 -9.61
C TYR B 279 -7.25 28.76 -9.73
N LEU B 280 -7.90 28.68 -10.91
CA LEU B 280 -9.05 27.81 -11.09
C LEU B 280 -8.74 26.40 -10.64
N THR B 281 -9.80 25.66 -10.25
CA THR B 281 -9.66 24.27 -9.85
C THR B 281 -9.76 23.30 -11.01
N GLY B 282 -10.41 23.69 -12.08
CA GLY B 282 -10.77 22.75 -13.11
C GLY B 282 -12.18 22.20 -12.97
N CYS B 283 -12.86 22.55 -11.86
CA CYS B 283 -14.25 22.20 -11.60
C CYS B 283 -15.14 23.45 -11.52
N THR B 284 -14.64 24.57 -12.02
CA THR B 284 -15.33 25.86 -12.00
C THR B 284 -15.85 26.16 -13.41
N GLU B 285 -16.86 27.04 -13.48
CA GLU B 285 -17.25 27.61 -14.77
C GLU B 285 -16.10 28.41 -15.36
N GLU B 286 -16.02 28.41 -16.69
CA GLU B 286 -15.08 29.27 -17.39
C GLU B 286 -15.33 30.73 -16.97
#